data_1DMA
#
_entry.id   1DMA
#
_cell.length_a   87.510
_cell.length_b   87.510
_cell.length_c   134.080
_cell.angle_alpha   90.00
_cell.angle_beta   90.00
_cell.angle_gamma   90.00
#
_symmetry.space_group_name_H-M   'P 43 21 2'
#
loop_
_entity.id
_entity.type
_entity.pdbx_description
1 polymer 'EXOTOXIN A'
2 non-polymer NICOTINAMIDE
3 non-polymer 'ADENOSINE MONOPHOSPHATE'
4 water water
#
_entity_poly.entity_id   1
_entity_poly.type   'polypeptide(L)'
_entity_poly.pdbx_seq_one_letter_code
;FLGDGGDVSFSTRGTQNWTVERLLQAHRQLEERGYVFVGYHGTFLEAAQSIVFGGVRARSQDLDAIWRGFYIAGDPALAY
GYAQDQEPDARGRIRNGALLRVYVPRSSLPGFYRTSLTLAAPEAAGEVERLIGHPLPLRLDAITGPEEEGGRLETILGWP
LAERTVVIPSAIPTDPRNVGGDLDPSSIPDKEQAISALPDYASQPGKPPREDLK
;
_entity_poly.pdbx_strand_id   A,B
#
loop_
_chem_comp.id
_chem_comp.type
_chem_comp.name
_chem_comp.formula
AMP non-polymer 'ADENOSINE MONOPHOSPHATE' 'C10 H14 N5 O7 P'
NCA non-polymer NICOTINAMIDE 'C6 H6 N2 O'
#
# COMPACT_ATOMS: atom_id res chain seq x y z
N PHE A 1 2.33 -13.19 1.10
CA PHE A 1 3.27 -12.41 2.01
C PHE A 1 4.15 -13.12 3.10
N LEU A 2 3.62 -14.11 3.82
CA LEU A 2 4.39 -14.76 4.87
C LEU A 2 5.10 -16.07 4.58
N GLY A 3 5.38 -16.37 3.32
CA GLY A 3 6.14 -17.58 3.01
C GLY A 3 5.46 -18.94 2.95
N ASP A 4 6.35 -19.93 3.15
CA ASP A 4 6.05 -21.36 2.96
C ASP A 4 5.52 -22.13 4.20
N GLY A 5 4.28 -22.62 4.08
CA GLY A 5 3.73 -23.60 5.06
C GLY A 5 2.57 -23.17 5.97
N GLY A 6 2.79 -23.57 7.22
CA GLY A 6 1.88 -23.49 8.40
C GLY A 6 1.20 -22.13 8.57
N ASP A 7 0.11 -22.16 9.34
CA ASP A 7 -0.66 -20.97 9.62
C ASP A 7 -0.17 -20.32 10.92
N VAL A 8 0.30 -19.10 10.71
CA VAL A 8 0.87 -18.26 11.76
C VAL A 8 -0.20 -17.75 12.70
N SER A 9 0.11 -17.71 13.99
CA SER A 9 -0.82 -17.23 15.00
C SER A 9 -0.06 -16.62 16.17
N PHE A 10 -0.67 -15.64 16.78
CA PHE A 10 -0.05 -14.97 17.90
C PHE A 10 -0.42 -15.57 19.25
N SER A 11 0.60 -16.04 19.96
CA SER A 11 0.46 -16.65 21.27
C SER A 11 1.43 -16.03 22.28
N THR A 12 0.98 -15.99 23.51
CA THR A 12 1.80 -15.47 24.62
C THR A 12 3.11 -16.25 24.66
N ARG A 13 3.15 -17.45 24.11
CA ARG A 13 4.36 -18.22 24.18
C ARG A 13 5.23 -18.02 22.97
N GLY A 14 4.70 -17.37 21.95
CA GLY A 14 5.47 -17.15 20.73
C GLY A 14 4.58 -17.17 19.51
N THR A 15 5.10 -16.76 18.36
CA THR A 15 4.32 -16.72 17.15
C THR A 15 4.41 -18.09 16.59
N GLN A 16 3.24 -18.68 16.37
CA GLN A 16 3.19 -20.03 15.89
C GLN A 16 3.47 -20.16 14.40
N ASN A 17 4.42 -21.01 14.08
CA ASN A 17 4.80 -21.29 12.69
C ASN A 17 5.70 -20.30 12.00
N TRP A 18 6.38 -19.49 12.80
CA TRP A 18 7.31 -18.48 12.32
C TRP A 18 8.68 -18.87 12.84
N THR A 19 9.68 -18.79 11.99
CA THR A 19 11.01 -19.13 12.38
C THR A 19 11.82 -18.16 11.57
N VAL A 20 13.08 -18.01 11.94
CA VAL A 20 13.90 -17.09 11.23
C VAL A 20 14.06 -17.56 9.84
N GLU A 21 14.03 -18.86 9.65
CA GLU A 21 14.21 -19.36 8.31
C GLU A 21 13.04 -18.92 7.44
N ARG A 22 11.86 -18.86 8.03
CA ARG A 22 10.68 -18.46 7.28
C ARG A 22 10.71 -16.98 7.00
N LEU A 23 11.29 -16.23 7.94
CA LEU A 23 11.36 -14.79 7.84
C LEU A 23 12.31 -14.42 6.72
N LEU A 24 13.36 -15.23 6.53
CA LEU A 24 14.35 -14.93 5.50
C LEU A 24 13.70 -15.06 4.15
N GLN A 25 12.86 -16.08 4.00
CA GLN A 25 12.15 -16.32 2.74
C GLN A 25 11.16 -15.22 2.45
N ALA A 26 10.33 -14.90 3.43
CA ALA A 26 9.34 -13.83 3.27
C ALA A 26 9.99 -12.53 2.86
N HIS A 27 11.08 -12.18 3.54
CA HIS A 27 11.84 -10.97 3.30
C HIS A 27 12.41 -10.91 1.88
N ARG A 28 13.01 -12.00 1.44
CA ARG A 28 13.56 -12.09 0.09
C ARG A 28 12.48 -11.93 -0.94
N GLN A 29 11.38 -12.60 -0.71
CA GLN A 29 10.26 -12.46 -1.61
C GLN A 29 9.81 -10.98 -1.65
N LEU A 30 9.66 -10.31 -0.52
CA LEU A 30 9.22 -8.90 -0.57
C LEU A 30 10.24 -7.97 -1.21
N GLU A 31 11.50 -8.32 -1.09
CA GLU A 31 12.55 -7.48 -1.62
C GLU A 31 12.50 -7.66 -3.10
N GLU A 32 12.34 -8.92 -3.48
CA GLU A 32 12.30 -9.30 -4.88
C GLU A 32 11.22 -8.49 -5.59
N ARG A 33 10.22 -8.03 -4.84
CA ARG A 33 9.13 -7.30 -5.45
C ARG A 33 9.13 -5.81 -5.14
N GLY A 34 10.25 -5.22 -4.77
CA GLY A 34 10.24 -3.78 -4.49
C GLY A 34 9.95 -3.22 -3.09
N TYR A 35 9.95 -4.09 -2.08
CA TYR A 35 9.69 -3.65 -0.74
C TYR A 35 10.96 -3.50 0.04
N VAL A 36 10.99 -2.46 0.88
CA VAL A 36 12.12 -2.20 1.72
C VAL A 36 11.60 -2.06 3.19
N PHE A 37 12.36 -2.60 4.16
CA PHE A 37 12.03 -2.58 5.59
C PHE A 37 12.37 -1.25 6.20
N VAL A 38 11.44 -0.62 6.92
CA VAL A 38 11.68 0.66 7.58
C VAL A 38 11.39 0.64 9.09
N GLY A 39 11.24 -0.53 9.71
CA GLY A 39 11.01 -0.53 11.15
C GLY A 39 10.11 -1.59 11.75
N TYR A 40 10.09 -1.59 13.06
CA TYR A 40 9.31 -2.48 13.92
C TYR A 40 8.15 -1.74 14.49
N HIS A 41 7.14 -2.52 14.86
CA HIS A 41 5.96 -2.00 15.49
C HIS A 41 5.56 -2.96 16.60
N GLY A 42 5.40 -2.52 17.84
CA GLY A 42 5.05 -3.45 18.90
C GLY A 42 3.63 -3.24 19.40
N THR A 43 2.91 -4.36 19.62
CA THR A 43 1.50 -4.35 20.12
C THR A 43 1.10 -5.61 20.87
N PHE A 44 -0.15 -5.59 21.28
CA PHE A 44 -0.74 -6.67 21.97
C PHE A 44 -1.19 -7.71 20.98
N LEU A 45 -1.41 -8.93 21.49
CA LEU A 45 -1.78 -10.08 20.65
C LEU A 45 -2.88 -9.89 19.66
N GLU A 46 -3.94 -9.22 20.05
CA GLU A 46 -5.05 -9.00 19.15
C GLU A 46 -4.76 -8.01 18.02
N ALA A 47 -4.11 -6.91 18.32
CA ALA A 47 -3.81 -5.95 17.29
C ALA A 47 -2.83 -6.61 16.36
N ALA A 48 -1.88 -7.32 16.92
CA ALA A 48 -0.91 -8.01 16.09
C ALA A 48 -1.57 -8.95 15.05
N GLN A 49 -2.44 -9.82 15.55
CA GLN A 49 -3.14 -10.80 14.74
C GLN A 49 -3.89 -10.19 13.58
N SER A 50 -4.62 -9.12 13.84
CA SER A 50 -5.37 -8.50 12.78
C SER A 50 -4.58 -7.66 11.77
N ILE A 51 -3.50 -7.02 12.22
CA ILE A 51 -2.71 -6.19 11.33
C ILE A 51 -2.09 -7.11 10.37
N VAL A 52 -1.52 -8.16 10.91
CA VAL A 52 -0.88 -9.14 10.07
C VAL A 52 -1.91 -9.83 9.11
N PHE A 53 -3.19 -9.98 9.48
CA PHE A 53 -4.19 -10.61 8.58
C PHE A 53 -5.44 -9.74 8.39
N GLY A 54 -5.24 -8.47 8.05
CA GLY A 54 -6.36 -7.57 7.89
C GLY A 54 -5.82 -6.25 7.42
N GLY A 55 -4.53 -6.05 7.69
CA GLY A 55 -3.81 -4.85 7.29
C GLY A 55 -3.99 -3.69 8.22
N VAL A 56 -3.14 -2.66 8.03
CA VAL A 56 -3.13 -1.43 8.83
C VAL A 56 -4.20 -0.49 8.37
N ARG A 57 -5.28 -0.44 9.11
CA ARG A 57 -6.35 0.45 8.75
C ARG A 57 -6.36 1.56 9.79
N ALA A 58 -6.71 2.75 9.36
CA ALA A 58 -6.78 3.88 10.25
C ALA A 58 -8.19 3.91 10.82
N ALA A 65 -6.41 15.15 13.34
CA ALA A 65 -5.23 15.62 14.12
C ALA A 65 -3.98 15.86 13.25
N ILE A 66 -3.24 16.91 13.61
CA ILE A 66 -2.03 17.29 12.92
C ILE A 66 -1.07 16.09 12.88
N TRP A 67 -0.84 15.46 14.03
CA TRP A 67 0.06 14.32 14.12
C TRP A 67 -0.54 12.92 14.04
N ARG A 68 -1.60 12.74 13.27
CA ARG A 68 -2.15 11.40 13.13
C ARG A 68 -1.30 10.54 12.15
N GLY A 69 -0.88 9.38 12.63
CA GLY A 69 -0.09 8.48 11.83
C GLY A 69 0.08 7.17 12.55
N PHE A 70 0.86 6.28 11.96
CA PHE A 70 1.14 4.97 12.53
C PHE A 70 2.61 4.99 12.98
N TYR A 71 2.87 4.62 14.21
CA TYR A 71 4.22 4.71 14.71
C TYR A 71 4.96 3.45 14.56
N ILE A 72 6.21 3.56 14.10
CA ILE A 72 7.09 2.41 13.99
C ILE A 72 8.45 2.82 14.58
N ALA A 73 9.36 1.87 14.69
CA ALA A 73 10.65 2.19 15.22
C ALA A 73 11.75 1.34 14.56
N GLY A 74 12.87 1.96 14.22
CA GLY A 74 13.94 1.21 13.63
C GLY A 74 14.60 0.35 14.71
N ASP A 75 14.72 0.89 15.93
CA ASP A 75 15.31 0.16 17.04
C ASP A 75 14.26 -0.78 17.71
N PRO A 76 14.39 -2.11 17.55
CA PRO A 76 13.41 -3.02 18.16
C PRO A 76 13.15 -2.80 19.65
N ALA A 77 14.15 -2.29 20.36
CA ALA A 77 14.08 -2.01 21.79
C ALA A 77 13.02 -1.04 22.14
N LEU A 78 12.85 -0.03 21.30
CA LEU A 78 11.83 0.98 21.51
C LEU A 78 10.43 0.38 21.18
N ALA A 79 10.32 -0.34 20.05
CA ALA A 79 9.04 -0.93 19.68
C ALA A 79 8.64 -1.99 20.71
N TYR A 80 9.63 -2.68 21.28
CA TYR A 80 9.42 -3.76 22.30
C TYR A 80 8.74 -3.26 23.58
N GLY A 81 8.81 -1.94 23.86
CA GLY A 81 8.18 -1.33 25.01
C GLY A 81 6.67 -1.20 24.85
N TYR A 82 6.21 -1.40 23.64
CA TYR A 82 4.76 -1.30 23.35
C TYR A 82 4.20 -2.67 22.99
N ALA A 83 5.06 -3.65 23.05
CA ALA A 83 4.69 -5.05 22.72
C ALA A 83 4.10 -5.74 23.94
N GLN A 84 3.05 -5.15 24.45
CA GLN A 84 2.35 -5.66 25.63
C GLN A 84 1.03 -4.94 25.84
N ASP A 85 0.19 -5.56 26.65
CA ASP A 85 -1.06 -4.93 27.08
C ASP A 85 -0.67 -3.77 27.97
N GLN A 86 -1.24 -2.63 27.76
CA GLN A 86 -0.86 -1.47 28.59
C GLN A 86 -1.88 -1.27 29.72
N GLU A 87 -2.98 -1.97 29.58
CA GLU A 87 -4.07 -1.95 30.57
C GLU A 87 -4.58 -3.37 30.73
N PRO A 88 -5.12 -3.80 31.86
CA PRO A 88 -5.65 -5.12 31.86
C PRO A 88 -6.64 -5.09 30.72
N ASP A 89 -6.90 -6.23 30.13
CA ASP A 89 -7.86 -6.33 29.02
C ASP A 89 -9.18 -6.84 29.62
N ALA A 90 -10.01 -7.46 28.78
CA ALA A 90 -11.33 -7.96 29.18
C ALA A 90 -11.34 -8.91 30.37
N ARG A 91 -10.38 -9.81 30.32
CA ARG A 91 -10.20 -10.84 31.32
C ARG A 91 -9.24 -10.48 32.45
N GLY A 92 -8.81 -9.22 32.51
CA GLY A 92 -7.90 -8.73 33.54
C GLY A 92 -6.43 -9.12 33.36
N ARG A 93 -6.03 -9.41 32.13
CA ARG A 93 -4.67 -9.79 31.87
C ARG A 93 -3.82 -8.69 31.29
N ILE A 94 -2.53 -8.82 31.51
CA ILE A 94 -1.53 -7.91 30.96
C ILE A 94 -0.49 -8.94 30.69
N ARG A 95 -0.38 -9.26 29.41
CA ARG A 95 0.56 -10.24 29.02
C ARG A 95 1.31 -9.65 27.84
N ASN A 96 2.44 -10.25 27.50
CA ASN A 96 3.23 -9.83 26.37
C ASN A 96 2.45 -9.66 25.03
N GLY A 97 3.17 -9.12 24.05
CA GLY A 97 2.58 -8.90 22.74
C GLY A 97 3.54 -9.42 21.69
N ALA A 98 3.57 -8.76 20.52
CA ALA A 98 4.45 -9.21 19.46
C ALA A 98 4.99 -7.99 18.75
N LEU A 99 6.12 -8.19 18.09
CA LEU A 99 6.78 -7.18 17.29
C LEU A 99 6.52 -7.59 15.84
N LEU A 100 6.16 -6.63 15.01
CA LEU A 100 5.93 -6.87 13.61
C LEU A 100 7.00 -6.06 12.88
N ARG A 101 7.36 -6.50 11.68
CA ARG A 101 8.32 -5.82 10.82
C ARG A 101 7.51 -5.10 9.71
N VAL A 102 7.70 -3.80 9.52
CA VAL A 102 6.96 -3.04 8.52
C VAL A 102 7.71 -2.78 7.24
N TYR A 103 7.12 -3.07 6.08
CA TYR A 103 7.73 -2.84 4.76
C TYR A 103 6.97 -1.84 3.88
N VAL A 104 7.67 -0.99 3.15
CA VAL A 104 7.01 -0.03 2.24
C VAL A 104 7.78 -0.11 0.91
N PRO A 105 7.20 0.39 -0.21
CA PRO A 105 7.94 0.31 -1.47
C PRO A 105 9.11 1.21 -1.45
N ARG A 106 10.13 0.74 -2.09
CA ARG A 106 11.34 1.47 -2.24
C ARG A 106 11.03 2.82 -2.87
N SER A 107 10.07 2.85 -3.80
CA SER A 107 9.73 4.09 -4.50
C SER A 107 9.13 5.20 -3.64
N SER A 108 8.73 4.81 -2.45
CA SER A 108 8.12 5.73 -1.53
C SER A 108 9.13 6.41 -0.67
N LEU A 109 10.37 5.92 -0.66
CA LEU A 109 11.40 6.49 0.19
C LEU A 109 11.65 7.99 0.11
N PRO A 110 11.30 8.60 -1.01
CA PRO A 110 11.51 10.04 -1.13
C PRO A 110 10.60 10.84 -0.24
N GLY A 111 9.62 10.21 0.40
CA GLY A 111 8.72 10.97 1.24
C GLY A 111 8.98 10.72 2.71
N PHE A 112 10.16 10.17 2.98
CA PHE A 112 10.59 9.84 4.33
C PHE A 112 11.66 10.88 4.69
N TYR A 113 11.35 11.75 5.66
CA TYR A 113 12.26 12.79 6.12
C TYR A 113 12.77 12.55 7.55
N ARG A 114 13.66 13.41 8.05
CA ARG A 114 14.20 13.25 9.41
C ARG A 114 14.51 14.59 10.06
N THR A 115 14.08 14.76 11.31
CA THR A 115 14.27 15.99 12.09
C THR A 115 14.89 15.68 13.48
N SER A 116 15.54 16.67 14.11
CA SER A 116 16.18 16.55 15.43
C SER A 116 15.28 17.18 16.48
N LEU A 117 14.15 17.70 16.02
CA LEU A 117 13.13 18.27 16.90
C LEU A 117 12.29 17.10 17.34
N THR A 118 11.77 17.17 18.56
CA THR A 118 10.88 16.14 19.03
C THR A 118 9.58 16.63 18.35
N LEU A 119 8.78 15.70 17.82
CA LEU A 119 7.55 16.14 17.16
C LEU A 119 6.62 16.94 18.07
N ALA A 120 6.99 17.06 19.35
CA ALA A 120 6.24 17.81 20.35
C ALA A 120 6.67 19.26 20.39
N ALA A 121 7.97 19.46 20.16
CA ALA A 121 8.57 20.80 20.16
C ALA A 121 7.69 21.79 19.41
N PRO A 122 7.42 22.94 20.02
CA PRO A 122 6.59 23.98 19.42
C PRO A 122 6.77 24.23 17.92
N GLU A 123 8.03 24.23 17.48
CA GLU A 123 8.38 24.47 16.08
C GLU A 123 8.47 23.22 15.21
N ALA A 124 8.10 22.08 15.77
CA ALA A 124 8.17 20.87 15.00
C ALA A 124 7.32 20.98 13.75
N ALA A 125 6.04 21.31 13.94
CA ALA A 125 5.01 21.45 12.87
C ALA A 125 5.45 22.13 11.56
N GLY A 126 5.93 23.37 11.68
CA GLY A 126 6.38 24.08 10.51
C GLY A 126 7.64 23.47 9.95
N GLU A 127 8.45 22.91 10.82
CA GLU A 127 9.66 22.31 10.35
C GLU A 127 9.23 21.07 9.56
N VAL A 128 8.25 20.34 10.09
CA VAL A 128 7.80 19.14 9.40
C VAL A 128 7.06 19.45 8.13
N GLU A 129 6.33 20.57 8.11
CA GLU A 129 5.60 20.93 6.91
C GLU A 129 6.54 21.40 5.82
N ARG A 130 7.68 21.95 6.25
CA ARG A 130 8.72 22.47 5.40
C ARG A 130 9.40 21.35 4.64
N LEU A 131 9.60 20.21 5.28
CA LEU A 131 10.21 19.10 4.60
C LEU A 131 9.16 18.39 3.76
N ILE A 132 8.05 18.03 4.40
CA ILE A 132 6.91 17.33 3.81
C ILE A 132 6.44 18.07 2.55
N GLY A 133 6.42 19.39 2.64
CA GLY A 133 6.04 20.19 1.49
C GLY A 133 4.56 20.49 1.34
N HIS A 134 3.80 20.27 2.42
CA HIS A 134 2.36 20.50 2.41
C HIS A 134 1.91 20.54 3.87
N PRO A 135 0.78 21.20 4.17
CA PRO A 135 0.38 21.22 5.58
C PRO A 135 0.05 19.84 6.10
N LEU A 136 0.15 19.66 7.42
CA LEU A 136 -0.11 18.37 8.07
C LEU A 136 -1.59 18.07 7.98
N PRO A 137 -2.03 16.77 8.06
CA PRO A 137 -1.39 15.47 8.25
C PRO A 137 -0.52 14.92 7.16
N LEU A 138 0.33 14.00 7.58
CA LEU A 138 1.24 13.32 6.70
C LEU A 138 0.34 12.59 5.71
N ARG A 139 0.73 12.60 4.45
CA ARG A 139 -0.04 11.92 3.44
C ARG A 139 0.75 10.69 3.11
N LEU A 140 1.41 10.63 1.97
CA LEU A 140 2.22 9.44 1.67
C LEU A 140 3.64 9.79 2.11
N ASP A 141 3.76 10.39 3.29
CA ASP A 141 5.05 10.82 3.86
C ASP A 141 5.36 10.10 5.15
N ALA A 142 6.46 10.47 5.77
CA ALA A 142 6.81 9.84 7.03
C ALA A 142 7.83 10.76 7.65
N ILE A 143 7.89 10.83 8.97
CA ILE A 143 8.84 11.70 9.60
C ILE A 143 9.45 10.97 10.80
N THR A 144 10.79 10.89 10.89
CA THR A 144 11.51 10.20 11.96
C THR A 144 12.22 11.23 12.83
N GLY A 145 11.98 11.22 14.15
CA GLY A 145 12.67 12.17 15.02
C GLY A 145 12.89 11.59 16.41
N PRO A 146 13.61 12.25 17.32
CA PRO A 146 13.75 11.58 18.62
C PRO A 146 12.47 11.51 19.45
N GLU A 147 12.30 10.47 20.26
CA GLU A 147 11.13 10.39 21.13
C GLU A 147 11.37 11.41 22.27
N GLU A 148 10.35 12.16 22.71
CA GLU A 148 10.57 13.10 23.79
C GLU A 148 10.84 12.27 25.01
N GLU A 149 11.56 12.78 25.98
CA GLU A 149 11.77 11.94 27.17
C GLU A 149 12.61 10.65 27.00
N GLY A 150 13.03 10.31 25.81
CA GLY A 150 13.86 9.11 25.72
C GLY A 150 15.13 9.28 24.91
N GLY A 151 15.03 9.80 23.70
CA GLY A 151 16.24 9.96 22.93
C GLY A 151 16.26 9.05 21.72
N ARG A 152 15.34 8.09 21.68
CA ARG A 152 15.34 7.16 20.59
C ARG A 152 14.48 7.66 19.49
N LEU A 153 14.75 7.20 18.26
CA LEU A 153 14.00 7.69 17.13
C LEU A 153 12.80 6.89 16.83
N GLU A 154 11.71 7.63 16.68
CA GLU A 154 10.42 7.08 16.38
C GLU A 154 10.03 7.70 15.08
N THR A 155 9.43 6.87 14.24
CA THR A 155 8.96 7.23 12.93
C THR A 155 7.42 7.21 12.87
N ILE A 156 6.82 8.16 12.19
CA ILE A 156 5.37 8.18 12.03
C ILE A 156 5.05 8.14 10.58
N LEU A 157 4.35 7.12 10.15
CA LEU A 157 3.97 7.07 8.77
C LEU A 157 2.61 7.78 8.69
N GLY A 158 2.34 8.46 7.58
CA GLY A 158 1.04 9.08 7.39
C GLY A 158 0.07 7.95 7.05
N TRP A 159 -1.17 8.01 7.55
CA TRP A 159 -2.11 6.92 7.30
C TRP A 159 -2.21 6.43 5.89
N PRO A 160 -2.20 7.34 4.90
CA PRO A 160 -2.29 6.89 3.50
C PRO A 160 -1.16 5.92 3.15
N LEU A 161 0.03 6.21 3.65
CA LEU A 161 1.19 5.40 3.39
C LEU A 161 1.08 4.09 4.18
N ALA A 162 0.78 4.24 5.48
CA ALA A 162 0.67 3.11 6.38
C ALA A 162 -0.29 2.03 5.86
N GLU A 163 -1.53 2.42 5.51
CA GLU A 163 -2.50 1.45 4.99
C GLU A 163 -1.96 0.69 3.74
N ARG A 164 -0.86 1.17 3.16
CA ARG A 164 -0.27 0.53 1.98
C ARG A 164 1.06 -0.18 2.27
N THR A 165 1.26 -0.59 3.52
CA THR A 165 2.47 -1.32 3.90
C THR A 165 2.21 -2.80 3.84
N VAL A 166 3.26 -3.58 4.06
CA VAL A 166 3.21 -5.02 4.12
C VAL A 166 3.94 -5.26 5.44
N VAL A 167 3.21 -5.76 6.42
CA VAL A 167 3.72 -6.06 7.75
C VAL A 167 3.75 -7.60 7.95
N ILE A 168 4.89 -8.17 8.35
CA ILE A 168 4.98 -9.60 8.61
C ILE A 168 5.53 -9.70 10.03
N PRO A 169 5.44 -10.89 10.66
CA PRO A 169 5.93 -11.10 12.03
C PRO A 169 7.46 -10.99 12.18
N SER A 170 7.93 -10.56 13.33
CA SER A 170 9.36 -10.52 13.59
C SER A 170 9.68 -11.87 14.24
N ALA A 171 10.94 -12.27 14.21
CA ALA A 171 11.37 -13.52 14.83
C ALA A 171 11.89 -13.26 16.25
N ILE A 172 11.89 -11.99 16.65
CA ILE A 172 12.35 -11.55 17.96
C ILE A 172 11.20 -11.84 18.90
N PRO A 173 11.40 -12.74 19.87
CA PRO A 173 10.31 -13.08 20.81
C PRO A 173 10.24 -12.10 21.97
N THR A 174 9.03 -11.86 22.51
CA THR A 174 8.84 -11.01 23.68
C THR A 174 8.81 -12.06 24.82
N ASP A 175 9.25 -11.71 26.04
CA ASP A 175 9.33 -12.65 27.17
C ASP A 175 8.12 -12.59 28.04
N PRO A 176 7.40 -13.71 28.18
CA PRO A 176 6.18 -13.90 28.97
C PRO A 176 6.39 -14.03 30.47
N ARG A 177 7.62 -14.40 30.84
CA ARG A 177 8.05 -14.52 32.22
C ARG A 177 8.64 -13.18 32.64
N ASN A 178 8.52 -12.17 31.79
CA ASN A 178 9.03 -10.83 32.07
C ASN A 178 8.28 -9.71 31.32
N VAL A 179 6.97 -9.62 31.55
CA VAL A 179 6.14 -8.59 30.93
C VAL A 179 6.49 -7.21 31.48
N GLY A 180 6.92 -6.35 30.56
CA GLY A 180 7.32 -4.96 30.86
C GLY A 180 8.83 -4.82 30.77
N GLY A 181 9.49 -5.96 30.67
CA GLY A 181 10.92 -6.02 30.60
C GLY A 181 11.48 -5.29 29.43
N ASP A 182 12.78 -5.06 29.52
CA ASP A 182 13.58 -4.42 28.50
C ASP A 182 13.99 -5.56 27.57
N LEU A 183 14.37 -5.23 26.34
CA LEU A 183 14.80 -6.21 25.36
C LEU A 183 16.22 -6.67 25.56
N ASP A 184 16.38 -7.96 25.85
CA ASP A 184 17.69 -8.55 25.96
C ASP A 184 18.18 -8.51 24.51
N PRO A 185 19.25 -7.77 24.24
CA PRO A 185 19.73 -7.70 22.87
C PRO A 185 20.11 -9.08 22.30
N SER A 186 20.67 -9.93 23.16
CA SER A 186 21.06 -11.25 22.70
C SER A 186 19.88 -12.01 22.17
N SER A 187 18.66 -11.63 22.50
CA SER A 187 17.47 -12.37 22.03
C SER A 187 16.98 -12.08 20.61
N ILE A 188 17.75 -11.31 19.86
CA ILE A 188 17.40 -11.01 18.50
C ILE A 188 18.17 -11.97 17.60
N PRO A 189 17.50 -12.69 16.70
CA PRO A 189 18.28 -13.61 15.85
C PRO A 189 19.23 -12.84 14.94
N ASP A 190 20.49 -13.21 14.96
CA ASP A 190 21.51 -12.60 14.13
C ASP A 190 21.04 -12.47 12.71
N LYS A 191 20.33 -13.46 12.22
CA LYS A 191 19.83 -13.45 10.86
C LYS A 191 18.76 -12.40 10.68
N GLU A 192 18.08 -12.02 11.77
CA GLU A 192 17.08 -10.96 11.68
C GLU A 192 17.82 -9.63 11.82
N GLN A 193 18.80 -9.58 12.71
CA GLN A 193 19.60 -8.38 12.88
C GLN A 193 20.24 -8.04 11.52
N ALA A 194 20.74 -9.07 10.86
CA ALA A 194 21.41 -8.99 9.56
C ALA A 194 20.62 -8.41 8.43
N ILE A 195 19.30 -8.49 8.52
CA ILE A 195 18.43 -8.03 7.45
C ILE A 195 17.61 -6.74 7.77
N SER A 196 18.04 -6.08 8.84
CA SER A 196 17.32 -4.95 9.34
C SER A 196 17.96 -3.60 9.27
N ALA A 197 18.85 -3.42 8.33
CA ALA A 197 19.44 -2.10 8.17
C ALA A 197 18.28 -1.25 7.66
N LEU A 198 18.37 0.06 7.86
CA LEU A 198 17.34 0.97 7.42
C LEU A 198 17.79 1.92 6.33
N PRO A 199 16.83 2.52 5.65
CA PRO A 199 17.20 3.44 4.61
C PRO A 199 17.60 4.78 5.20
N ASP A 200 18.28 5.57 4.39
CA ASP A 200 18.75 6.92 4.73
C ASP A 200 17.57 7.84 4.37
N TYR A 201 17.01 8.51 5.38
CA TYR A 201 15.86 9.42 5.20
C TYR A 201 16.40 10.81 4.86
N ALA A 202 15.62 11.64 4.18
CA ALA A 202 16.08 13.01 3.84
C ALA A 202 15.91 13.99 4.96
N SER A 203 16.90 14.84 5.20
CA SER A 203 16.79 15.80 6.31
C SER A 203 16.51 17.17 5.80
N GLN A 204 16.59 17.28 4.47
CA GLN A 204 16.36 18.49 3.71
C GLN A 204 15.10 18.23 2.90
N PRO A 205 14.37 19.28 2.53
CA PRO A 205 13.13 19.17 1.76
C PRO A 205 13.28 18.45 0.47
N GLY A 206 12.12 18.07 -0.02
CA GLY A 206 11.99 17.33 -1.28
C GLY A 206 12.25 18.24 -2.48
N LYS A 207 13.24 17.81 -3.23
CA LYS A 207 13.62 18.41 -4.52
C LYS A 207 12.87 17.47 -5.52
N PRO A 208 12.21 18.05 -6.54
CA PRO A 208 11.45 17.27 -7.52
C PRO A 208 12.22 16.26 -8.37
N PRO A 209 11.66 15.04 -8.46
CA PRO A 209 12.19 13.89 -9.21
C PRO A 209 12.49 14.18 -10.70
N ARG A 210 13.22 13.27 -11.34
CA ARG A 210 13.53 13.43 -12.74
C ARG A 210 12.36 12.86 -13.56
N PHE B 1 -5.50 12.74 -2.23
CA PHE B 1 -5.04 12.47 -3.64
C PHE B 1 -5.87 13.25 -4.64
N LEU B 2 -6.98 13.80 -4.18
CA LEU B 2 -7.90 14.55 -5.01
C LEU B 2 -7.41 15.95 -5.33
N GLY B 3 -6.40 16.34 -4.60
CA GLY B 3 -5.86 17.69 -4.69
C GLY B 3 -6.64 18.48 -3.66
N ASP B 4 -7.16 19.58 -4.08
CA ASP B 4 -8.00 20.43 -3.25
C ASP B 4 -9.12 20.89 -4.16
N GLY B 5 -9.90 21.83 -3.70
CA GLY B 5 -11.08 22.30 -4.43
C GLY B 5 -12.27 21.73 -3.68
N GLY B 6 -13.33 21.39 -4.40
CA GLY B 6 -14.55 20.86 -3.75
C GLY B 6 -14.71 19.42 -3.27
N ASP B 7 -15.81 18.78 -3.67
CA ASP B 7 -16.03 17.41 -3.31
C ASP B 7 -16.22 16.61 -4.58
N VAL B 8 -15.30 15.69 -4.86
CA VAL B 8 -15.46 14.89 -6.05
C VAL B 8 -16.65 13.99 -5.75
N SER B 9 -17.60 13.95 -6.70
CA SER B 9 -18.85 13.17 -6.62
C SER B 9 -19.28 12.58 -7.98
N PHE B 10 -19.48 11.28 -8.03
CA PHE B 10 -19.81 10.63 -9.28
C PHE B 10 -21.27 10.84 -9.48
N SER B 11 -21.62 11.22 -10.70
CA SER B 11 -23.02 11.42 -11.05
C SER B 11 -23.19 11.07 -12.52
N THR B 12 -24.40 10.62 -12.87
CA THR B 12 -24.68 10.33 -14.29
C THR B 12 -24.52 11.61 -15.09
N ARG B 13 -24.74 12.68 -14.30
CA ARG B 13 -24.59 14.02 -14.79
C ARG B 13 -23.11 14.28 -15.07
N GLY B 14 -22.23 13.57 -14.36
CA GLY B 14 -20.79 13.71 -14.55
C GLY B 14 -20.12 13.85 -13.20
N THR B 15 -18.81 13.55 -13.12
CA THR B 15 -18.05 13.64 -11.87
C THR B 15 -17.97 15.09 -11.36
N GLN B 16 -18.75 15.38 -10.32
CA GLN B 16 -18.79 16.70 -9.72
C GLN B 16 -17.44 17.23 -9.23
N ASN B 17 -17.15 18.49 -9.56
CA ASN B 17 -15.93 19.16 -9.12
C ASN B 17 -14.59 18.55 -9.53
N TRP B 18 -14.55 17.88 -10.68
CA TRP B 18 -13.30 17.28 -11.17
C TRP B 18 -12.87 17.82 -12.52
N THR B 19 -11.81 18.61 -12.52
CA THR B 19 -11.27 19.20 -13.74
C THR B 19 -9.98 18.56 -14.17
N VAL B 20 -9.62 18.68 -15.44
CA VAL B 20 -8.33 18.11 -15.89
C VAL B 20 -7.28 18.87 -15.12
N GLU B 21 -7.66 20.06 -14.66
CA GLU B 21 -6.77 20.90 -13.88
C GLU B 21 -6.46 20.07 -12.65
N ARG B 22 -7.49 19.74 -11.86
CA ARG B 22 -7.35 18.92 -10.63
C ARG B 22 -6.55 17.67 -10.97
N LEU B 23 -6.85 17.09 -12.11
CA LEU B 23 -6.17 15.88 -12.52
C LEU B 23 -4.66 16.08 -12.58
N LEU B 24 -4.23 17.11 -13.30
CA LEU B 24 -2.81 17.33 -13.43
C LEU B 24 -2.11 17.52 -12.07
N GLN B 25 -2.78 18.15 -11.12
CA GLN B 25 -2.14 18.36 -9.84
C GLN B 25 -2.04 17.12 -9.01
N ALA B 26 -3.12 16.37 -8.93
CA ALA B 26 -3.13 15.13 -8.19
C ALA B 26 -2.25 14.07 -8.88
N HIS B 27 -1.96 14.23 -10.16
CA HIS B 27 -1.11 13.29 -10.89
C HIS B 27 0.32 13.63 -10.55
N ARG B 28 0.63 14.93 -10.53
CA ARG B 28 1.97 15.35 -10.23
C ARG B 28 2.32 14.97 -8.81
N GLN B 29 1.39 15.11 -7.87
CA GLN B 29 1.68 14.71 -6.47
C GLN B 29 2.03 13.21 -6.38
N LEU B 30 1.25 12.39 -7.07
CA LEU B 30 1.48 10.96 -7.04
C LEU B 30 2.79 10.60 -7.63
N GLU B 31 3.17 11.28 -8.71
CA GLU B 31 4.43 11.05 -9.41
C GLU B 31 5.63 11.42 -8.53
N GLU B 32 5.41 12.37 -7.61
CA GLU B 32 6.41 12.87 -6.66
C GLU B 32 6.61 11.99 -5.43
N ARG B 33 5.71 11.02 -5.32
CA ARG B 33 5.71 10.05 -4.28
C ARG B 33 5.95 8.67 -4.80
N GLY B 34 6.42 8.58 -6.03
CA GLY B 34 6.74 7.29 -6.61
C GLY B 34 5.71 6.44 -7.33
N TYR B 35 4.49 6.95 -7.46
CA TYR B 35 3.42 6.23 -8.14
C TYR B 35 3.40 6.39 -9.68
N VAL B 36 3.02 5.34 -10.39
CA VAL B 36 2.93 5.41 -11.84
C VAL B 36 1.58 4.84 -12.33
N PHE B 37 0.92 5.58 -13.23
CA PHE B 37 -0.35 5.18 -13.85
C PHE B 37 -0.17 3.88 -14.67
N VAL B 38 -1.04 2.88 -14.43
CA VAL B 38 -0.97 1.61 -15.17
C VAL B 38 -2.19 1.27 -16.06
N GLY B 39 -3.21 2.13 -16.06
CA GLY B 39 -4.35 1.90 -16.92
C GLY B 39 -5.58 2.42 -16.23
N TYR B 40 -6.73 2.16 -16.86
CA TYR B 40 -8.05 2.57 -16.34
C TYR B 40 -8.91 1.44 -15.79
N HIS B 41 -9.86 1.84 -14.99
CA HIS B 41 -10.75 0.84 -14.48
C HIS B 41 -12.13 1.42 -14.61
N GLY B 42 -12.95 0.86 -15.49
CA GLY B 42 -14.32 1.34 -15.65
C GLY B 42 -15.27 0.53 -14.80
N THR B 43 -16.12 1.22 -14.04
CA THR B 43 -17.11 0.61 -13.18
C THR B 43 -18.30 1.57 -13.03
N PHE B 44 -19.32 1.18 -12.27
CA PHE B 44 -20.54 1.97 -12.09
C PHE B 44 -20.45 2.93 -10.96
N LEU B 45 -21.36 3.89 -10.94
CA LEU B 45 -21.33 4.95 -9.93
C LEU B 45 -21.06 4.69 -8.43
N GLU B 46 -21.83 3.84 -7.78
CA GLU B 46 -21.53 3.67 -6.38
C GLU B 46 -20.29 2.83 -6.13
N ALA B 47 -19.85 2.08 -7.14
CA ALA B 47 -18.64 1.27 -7.04
C ALA B 47 -17.48 2.21 -7.17
N ALA B 48 -17.64 3.27 -7.96
CA ALA B 48 -16.58 4.29 -8.14
C ALA B 48 -16.47 5.04 -6.81
N GLN B 49 -17.63 5.38 -6.27
CA GLN B 49 -17.73 6.05 -4.99
C GLN B 49 -16.87 5.30 -3.94
N SER B 50 -17.13 3.99 -3.79
CA SER B 50 -16.41 3.11 -2.85
C SER B 50 -14.90 3.09 -2.99
N ILE B 51 -14.43 2.78 -4.19
CA ILE B 51 -13.02 2.68 -4.54
C ILE B 51 -12.23 3.93 -4.25
N VAL B 52 -12.78 5.08 -4.68
CA VAL B 52 -12.12 6.38 -4.53
C VAL B 52 -12.11 6.91 -3.10
N PHE B 53 -13.22 6.75 -2.40
CA PHE B 53 -13.29 7.25 -1.07
C PHE B 53 -13.09 6.18 -0.01
N GLY B 54 -13.21 4.93 -0.39
CA GLY B 54 -13.00 3.87 0.58
C GLY B 54 -11.73 3.03 0.32
N GLY B 55 -11.28 2.97 -0.92
CA GLY B 55 -10.10 2.18 -1.24
C GLY B 55 -10.47 0.89 -1.95
N VAL B 56 -9.49 0.30 -2.64
CA VAL B 56 -9.74 -0.94 -3.34
C VAL B 56 -9.63 -2.06 -2.31
N ARG B 57 -10.69 -2.84 -2.18
CA ARG B 57 -10.74 -3.96 -1.22
C ARG B 57 -11.27 -5.23 -1.99
N ALA B 58 -10.88 -6.42 -1.55
CA ALA B 58 -11.20 -7.68 -2.24
C ALA B 58 -12.51 -8.49 -2.27
N ARG B 59 -13.25 -8.53 -1.16
CA ARG B 59 -14.49 -9.35 -1.07
C ARG B 59 -14.02 -10.60 -0.32
N SER B 60 -14.59 -10.85 0.85
CA SER B 60 -14.20 -11.99 1.66
C SER B 60 -14.69 -13.33 1.10
N GLN B 61 -15.02 -13.36 -0.20
CA GLN B 61 -15.53 -14.57 -0.80
C GLN B 61 -14.62 -14.99 -1.95
N ASP B 62 -14.65 -16.26 -2.28
CA ASP B 62 -13.89 -16.79 -3.40
C ASP B 62 -12.42 -16.61 -3.23
N LEU B 63 -11.93 -16.84 -2.02
CA LEU B 63 -10.55 -16.66 -1.76
C LEU B 63 -9.57 -17.44 -2.59
N ASP B 64 -10.00 -18.55 -3.18
CA ASP B 64 -9.05 -19.33 -3.98
C ASP B 64 -9.27 -19.39 -5.48
N ALA B 65 -10.16 -18.55 -5.96
CA ALA B 65 -10.44 -18.47 -7.35
C ALA B 65 -9.10 -18.14 -7.98
N ILE B 66 -8.66 -19.04 -8.84
CA ILE B 66 -7.42 -18.94 -9.57
C ILE B 66 -7.12 -17.60 -10.25
N TRP B 67 -8.11 -17.03 -10.94
CA TRP B 67 -7.88 -15.79 -11.67
C TRP B 67 -8.39 -14.58 -10.96
N ARG B 68 -8.46 -14.66 -9.63
CA ARG B 68 -8.96 -13.51 -8.88
C ARG B 68 -7.96 -12.34 -8.98
N GLY B 69 -8.50 -11.14 -9.20
CA GLY B 69 -7.68 -9.94 -9.36
C GLY B 69 -8.59 -8.76 -9.61
N PHE B 70 -8.03 -7.54 -9.78
CA PHE B 70 -8.74 -6.26 -10.04
C PHE B 70 -8.26 -5.94 -11.46
N TYR B 71 -9.20 -5.93 -12.41
CA TYR B 71 -8.93 -5.65 -13.82
C TYR B 71 -8.90 -4.20 -14.20
N ILE B 72 -7.94 -3.87 -15.04
CA ILE B 72 -7.80 -2.53 -15.53
C ILE B 72 -7.43 -2.69 -17.00
N ALA B 73 -7.36 -1.55 -17.69
CA ALA B 73 -6.98 -1.51 -19.11
C ALA B 73 -6.24 -0.24 -19.54
N GLY B 74 -5.21 -0.44 -20.35
CA GLY B 74 -4.42 0.66 -20.88
C GLY B 74 -5.27 1.69 -21.59
N ASP B 75 -6.12 1.27 -22.54
CA ASP B 75 -7.02 2.19 -23.27
C ASP B 75 -8.38 2.28 -22.65
N PRO B 76 -8.83 3.51 -22.39
CA PRO B 76 -10.13 3.74 -21.79
C PRO B 76 -11.22 3.25 -22.74
N ALA B 77 -10.87 3.03 -24.00
CA ALA B 77 -11.80 2.49 -24.97
C ALA B 77 -12.28 1.16 -24.37
N LEU B 78 -11.35 0.30 -23.96
CA LEU B 78 -11.66 -1.00 -23.35
C LEU B 78 -12.29 -0.81 -21.96
N ALA B 79 -11.66 0.00 -21.09
CA ALA B 79 -12.19 0.24 -19.75
C ALA B 79 -13.63 0.73 -19.85
N TYR B 80 -13.88 1.64 -20.81
CA TYR B 80 -15.19 2.27 -21.09
C TYR B 80 -16.25 1.21 -21.27
N GLY B 81 -15.84 0.02 -21.69
CA GLY B 81 -16.78 -1.08 -21.85
C GLY B 81 -17.57 -1.39 -20.58
N TYR B 82 -17.14 -0.84 -19.42
CA TYR B 82 -17.80 -1.05 -18.13
C TYR B 82 -18.40 0.23 -17.52
N ALA B 83 -19.67 0.07 -17.10
CA ALA B 83 -20.57 1.11 -16.52
C ALA B 83 -22.10 0.67 -16.43
N GLN B 84 -22.56 0.37 -15.20
CA GLN B 84 -23.94 -0.08 -14.80
C GLN B 84 -24.68 -1.17 -15.60
N ILE B 94 -27.18 -0.41 -18.77
CA ILE B 94 -28.47 0.28 -18.48
C ILE B 94 -28.33 1.71 -17.99
N ARG B 95 -27.51 1.97 -16.99
CA ARG B 95 -27.48 3.33 -16.52
C ARG B 95 -26.27 4.11 -16.10
N ASN B 96 -25.13 4.09 -16.84
CA ASN B 96 -24.04 5.07 -16.83
C ASN B 96 -23.15 4.85 -15.61
N GLY B 97 -21.79 4.60 -15.95
CA GLY B 97 -20.75 4.49 -14.95
C GLY B 97 -19.70 5.57 -14.93
N ALA B 98 -18.55 5.25 -14.36
CA ALA B 98 -17.44 6.20 -14.25
C ALA B 98 -16.14 5.49 -14.51
N LEU B 99 -15.19 6.25 -15.04
CA LEU B 99 -13.84 5.76 -15.33
C LEU B 99 -12.87 6.30 -14.25
N LEU B 100 -11.94 5.46 -13.83
CA LEU B 100 -10.94 5.77 -12.83
C LEU B 100 -9.58 5.40 -13.38
N ARG B 101 -8.57 6.10 -12.90
CA ARG B 101 -7.18 5.87 -13.27
C ARG B 101 -6.50 5.15 -12.08
N VAL B 102 -5.74 4.10 -12.36
CA VAL B 102 -5.09 3.28 -11.33
C VAL B 102 -3.53 3.40 -11.27
N TYR B 103 -3.03 3.80 -10.09
CA TYR B 103 -1.60 4.03 -9.77
C TYR B 103 -0.95 2.98 -8.88
N VAL B 104 0.29 2.62 -9.16
CA VAL B 104 1.01 1.64 -8.34
C VAL B 104 2.40 2.19 -8.07
N PRO B 105 3.06 1.78 -6.98
CA PRO B 105 4.39 2.34 -6.79
C PRO B 105 5.27 1.89 -7.93
N ARG B 106 6.13 2.74 -8.42
CA ARG B 106 6.97 2.40 -9.52
C ARG B 106 7.88 1.19 -9.27
N SER B 107 7.92 0.69 -8.04
CA SER B 107 8.80 -0.44 -7.67
C SER B 107 8.23 -1.79 -7.94
N SER B 108 6.91 -1.84 -8.01
CA SER B 108 6.26 -3.10 -8.21
C SER B 108 6.20 -3.47 -9.66
N LEU B 109 6.53 -2.52 -10.54
CA LEU B 109 6.54 -2.77 -11.96
C LEU B 109 7.37 -4.04 -12.37
N PRO B 110 8.43 -4.41 -11.63
CA PRO B 110 9.15 -5.63 -12.01
C PRO B 110 8.23 -6.88 -11.93
N GLY B 111 7.18 -6.79 -11.12
CA GLY B 111 6.24 -7.89 -11.00
C GLY B 111 5.06 -7.89 -11.96
N PHE B 112 5.11 -7.09 -13.04
CA PHE B 112 4.06 -6.99 -14.08
C PHE B 112 4.56 -7.81 -15.24
N TYR B 113 3.82 -8.83 -15.62
CA TYR B 113 4.24 -9.71 -16.71
C TYR B 113 3.27 -9.55 -17.86
N ARG B 114 3.66 -10.06 -19.01
CA ARG B 114 2.83 -9.98 -20.20
C ARG B 114 2.94 -11.32 -20.91
N THR B 115 1.80 -11.74 -21.46
CA THR B 115 1.71 -12.97 -22.23
C THR B 115 0.82 -12.71 -23.43
N SER B 116 0.90 -13.59 -24.42
CA SER B 116 0.12 -13.46 -25.63
C SER B 116 -1.19 -14.26 -25.45
N LEU B 117 -1.14 -15.34 -24.67
CA LEU B 117 -2.35 -16.13 -24.43
C LEU B 117 -3.32 -15.16 -23.84
N THR B 118 -4.57 -15.54 -23.78
CA THR B 118 -5.54 -14.64 -23.19
C THR B 118 -5.85 -15.14 -21.75
N LEU B 119 -5.88 -14.19 -20.80
CA LEU B 119 -6.13 -14.52 -19.39
C LEU B 119 -7.51 -15.08 -19.04
N ALA B 120 -7.56 -15.76 -17.91
CA ALA B 120 -8.81 -16.31 -17.42
C ALA B 120 -9.43 -17.41 -18.29
N ALA B 121 -8.54 -18.09 -18.98
CA ALA B 121 -8.88 -19.21 -19.84
C ALA B 121 -7.89 -20.27 -19.30
N PRO B 122 -8.31 -21.56 -19.24
CA PRO B 122 -7.54 -22.69 -18.75
C PRO B 122 -6.15 -22.98 -19.31
N GLU B 123 -5.90 -22.63 -20.56
CA GLU B 123 -4.58 -22.90 -21.13
C GLU B 123 -3.49 -21.88 -20.74
N ALA B 124 -3.93 -20.74 -20.21
CA ALA B 124 -3.04 -19.67 -19.77
C ALA B 124 -2.53 -19.88 -18.34
N ALA B 125 -3.26 -20.66 -17.54
CA ALA B 125 -2.93 -20.94 -16.15
C ALA B 125 -1.50 -21.40 -16.05
N GLY B 126 -1.17 -22.49 -16.72
CA GLY B 126 0.20 -22.98 -16.65
C GLY B 126 1.31 -22.00 -17.00
N GLU B 127 1.17 -21.28 -18.12
CA GLU B 127 2.16 -20.31 -18.58
C GLU B 127 2.32 -19.17 -17.57
N VAL B 128 1.19 -18.59 -17.20
CA VAL B 128 1.12 -17.50 -16.23
C VAL B 128 1.83 -17.83 -14.88
N GLU B 129 1.72 -19.07 -14.39
CA GLU B 129 2.36 -19.44 -13.14
C GLU B 129 3.86 -19.46 -13.34
N ARG B 130 4.31 -19.74 -14.56
CA ARG B 130 5.75 -19.79 -14.88
C ARG B 130 6.32 -18.38 -14.81
N LEU B 131 5.58 -17.43 -15.37
CA LEU B 131 5.97 -16.03 -15.34
C LEU B 131 5.99 -15.48 -13.89
N ILE B 132 4.87 -15.64 -13.23
CA ILE B 132 4.65 -15.18 -11.88
C ILE B 132 5.53 -15.86 -10.86
N GLY B 133 5.95 -17.06 -11.19
CA GLY B 133 6.80 -17.83 -10.29
C GLY B 133 6.16 -18.29 -8.99
N HIS B 134 4.91 -18.73 -9.05
CA HIS B 134 4.22 -19.22 -7.88
C HIS B 134 2.86 -19.59 -8.41
N PRO B 135 2.21 -20.52 -7.74
CA PRO B 135 0.90 -20.92 -8.18
C PRO B 135 -0.02 -19.76 -8.00
N LEU B 136 -0.93 -19.63 -8.92
CA LEU B 136 -1.94 -18.61 -8.86
C LEU B 136 -2.72 -18.83 -7.56
N PRO B 137 -3.52 -17.85 -7.17
CA PRO B 137 -3.77 -16.57 -7.83
C PRO B 137 -2.68 -15.55 -7.64
N LEU B 138 -2.72 -14.50 -8.44
CA LEU B 138 -1.71 -13.48 -8.35
C LEU B 138 -1.63 -12.94 -6.91
N ARG B 139 -0.41 -12.69 -6.45
CA ARG B 139 -0.11 -12.12 -5.13
C ARG B 139 0.32 -10.71 -5.43
N LEU B 140 1.55 -10.34 -5.18
CA LEU B 140 1.88 -8.97 -5.54
C LEU B 140 2.31 -8.88 -7.03
N ASP B 141 1.59 -9.57 -7.91
CA ASP B 141 1.93 -9.51 -9.34
C ASP B 141 0.81 -8.89 -10.16
N ALA B 142 1.05 -8.76 -11.44
CA ALA B 142 0.03 -8.27 -12.32
C ALA B 142 0.41 -9.00 -13.59
N ILE B 143 -0.61 -9.33 -14.40
CA ILE B 143 -0.40 -10.04 -15.66
C ILE B 143 -1.30 -9.42 -16.71
N THR B 144 -0.70 -9.16 -17.88
CA THR B 144 -1.37 -8.54 -19.02
C THR B 144 -1.28 -9.51 -20.15
N GLY B 145 -2.40 -9.64 -20.83
CA GLY B 145 -2.52 -10.55 -21.93
C GLY B 145 -3.62 -9.96 -22.78
N PRO B 146 -3.74 -10.41 -24.04
CA PRO B 146 -4.78 -9.87 -24.93
C PRO B 146 -6.10 -10.50 -24.69
N GLU B 147 -7.13 -9.82 -25.15
CA GLU B 147 -8.47 -10.35 -25.02
C GLU B 147 -9.49 -9.26 -24.61
N GLU B 148 -9.35 -8.08 -25.19
CA GLU B 148 -10.19 -6.92 -24.82
C GLU B 148 -11.47 -6.77 -25.65
N GLU B 149 -11.30 -6.64 -26.96
CA GLU B 149 -12.43 -6.42 -27.87
C GLU B 149 -12.40 -4.95 -28.34
N GLY B 150 -12.74 -4.05 -27.43
CA GLY B 150 -12.72 -2.59 -27.70
C GLY B 150 -11.29 -2.20 -28.08
N GLY B 151 -10.48 -3.23 -27.94
CA GLY B 151 -9.04 -3.27 -28.21
C GLY B 151 -8.55 -4.53 -27.53
N ARG B 152 -7.41 -5.03 -27.90
CA ARG B 152 -6.90 -6.19 -27.18
C ARG B 152 -6.29 -5.64 -25.88
N LEU B 153 -5.75 -6.52 -25.07
CA LEU B 153 -4.97 -6.16 -23.83
C LEU B 153 -5.71 -5.61 -22.62
N GLU B 154 -5.78 -6.49 -21.63
CA GLU B 154 -6.41 -6.14 -20.40
C GLU B 154 -5.49 -6.70 -19.33
N THR B 155 -5.41 -6.01 -18.19
CA THR B 155 -4.48 -6.38 -17.13
C THR B 155 -5.18 -6.76 -15.84
N ILE B 156 -4.73 -7.85 -15.23
CA ILE B 156 -5.28 -8.29 -13.93
C ILE B 156 -4.25 -7.98 -12.82
N LEU B 157 -4.74 -7.39 -11.73
CA LEU B 157 -3.88 -7.05 -10.60
C LEU B 157 -4.18 -7.99 -9.45
N GLY B 158 -3.18 -8.69 -8.94
CA GLY B 158 -3.44 -9.56 -7.81
C GLY B 158 -4.04 -8.66 -6.77
N TRP B 159 -4.99 -9.15 -6.01
CA TRP B 159 -5.60 -8.30 -5.02
C TRP B 159 -4.66 -7.64 -3.99
N PRO B 160 -3.57 -8.30 -3.57
CA PRO B 160 -2.66 -7.64 -2.60
C PRO B 160 -2.06 -6.36 -3.19
N LEU B 161 -1.79 -6.36 -4.51
CA LEU B 161 -1.28 -5.19 -5.26
C LEU B 161 -2.43 -4.22 -5.47
N ALA B 162 -3.55 -4.77 -5.91
CA ALA B 162 -4.72 -3.97 -6.19
C ALA B 162 -5.09 -3.07 -5.04
N GLU B 163 -5.11 -3.62 -3.83
CA GLU B 163 -5.47 -2.89 -2.63
C GLU B 163 -4.45 -1.89 -2.13
N ARG B 164 -3.30 -1.80 -2.79
CA ARG B 164 -2.25 -0.90 -2.38
C ARG B 164 -1.91 0.03 -3.52
N THR B 165 -2.93 0.33 -4.30
CA THR B 165 -2.79 1.22 -5.44
C THR B 165 -3.52 2.48 -5.00
N VAL B 166 -3.23 3.64 -5.56
CA VAL B 166 -3.97 4.86 -5.19
C VAL B 166 -4.88 5.04 -6.42
N VAL B 167 -6.19 5.21 -6.24
CA VAL B 167 -7.13 5.37 -7.38
C VAL B 167 -7.78 6.76 -7.42
N ILE B 168 -7.82 7.36 -8.61
CA ILE B 168 -8.44 8.66 -8.73
C ILE B 168 -9.31 8.74 -10.00
N PRO B 169 -10.31 9.65 -10.00
CA PRO B 169 -11.19 9.83 -11.15
C PRO B 169 -10.39 10.17 -12.45
N SER B 170 -10.96 9.84 -13.61
CA SER B 170 -10.35 10.15 -14.89
C SER B 170 -11.10 11.35 -15.37
N ALA B 171 -10.53 12.08 -16.31
CA ALA B 171 -11.28 13.25 -16.79
C ALA B 171 -12.15 12.88 -18.02
N ILE B 172 -11.93 11.68 -18.59
CA ILE B 172 -12.72 11.19 -19.71
C ILE B 172 -14.10 10.94 -19.13
N PRO B 173 -15.16 11.54 -19.71
CA PRO B 173 -16.50 11.33 -19.17
C PRO B 173 -17.25 10.28 -19.95
N THR B 174 -18.39 9.87 -19.37
CA THR B 174 -19.25 8.87 -19.96
C THR B 174 -20.55 9.65 -20.40
N ASP B 175 -21.27 9.12 -21.37
CA ASP B 175 -22.50 9.78 -21.91
C ASP B 175 -23.74 8.92 -21.61
N PRO B 176 -24.86 9.38 -21.02
CA PRO B 176 -25.99 8.47 -20.86
C PRO B 176 -26.58 7.93 -22.28
N ARG B 177 -26.08 8.40 -23.48
CA ARG B 177 -26.56 7.96 -24.88
C ARG B 177 -25.73 6.79 -25.43
N ASN B 178 -24.48 6.83 -25.03
CA ASN B 178 -23.51 5.81 -25.39
C ASN B 178 -23.13 5.01 -24.17
N VAL B 179 -23.89 3.94 -23.92
CA VAL B 179 -23.69 2.99 -22.80
C VAL B 179 -23.41 1.59 -23.44
N ASP B 182 -17.16 1.85 -29.37
CA ASP B 182 -17.83 2.53 -28.20
C ASP B 182 -17.31 3.97 -27.89
N LEU B 183 -16.34 4.10 -26.98
CA LEU B 183 -15.78 5.40 -26.54
C LEU B 183 -15.41 6.41 -27.62
N ASP B 184 -15.91 7.64 -27.48
CA ASP B 184 -15.57 8.68 -28.47
C ASP B 184 -14.23 9.37 -28.24
N PRO B 185 -13.31 9.24 -29.21
CA PRO B 185 -11.97 9.82 -29.19
C PRO B 185 -11.93 11.26 -28.76
N SER B 186 -12.84 12.02 -29.35
CA SER B 186 -12.94 13.43 -29.09
C SER B 186 -13.17 13.79 -27.63
N SER B 187 -13.74 12.87 -26.84
CA SER B 187 -14.06 13.14 -25.43
C SER B 187 -12.90 13.05 -24.43
N ILE B 188 -11.83 12.37 -24.81
CA ILE B 188 -10.64 12.19 -23.98
C ILE B 188 -9.76 13.44 -23.96
N PRO B 189 -9.75 14.23 -22.85
CA PRO B 189 -8.90 15.44 -22.82
C PRO B 189 -7.45 15.17 -23.27
N ASP B 190 -6.91 16.02 -24.15
CA ASP B 190 -5.56 15.84 -24.67
C ASP B 190 -4.44 16.01 -23.62
N LYS B 191 -4.78 16.72 -22.54
CA LYS B 191 -3.87 16.93 -21.41
C LYS B 191 -3.72 15.54 -20.76
N GLU B 192 -4.84 14.84 -20.54
CA GLU B 192 -4.83 13.50 -19.96
C GLU B 192 -4.26 12.51 -20.95
N GLN B 193 -4.43 12.79 -22.21
CA GLN B 193 -3.88 11.93 -23.23
C GLN B 193 -2.37 11.83 -23.00
N ALA B 194 -1.82 12.95 -22.52
CA ALA B 194 -0.39 13.10 -22.24
C ALA B 194 0.10 12.39 -20.97
N ILE B 195 -0.64 12.58 -19.89
CA ILE B 195 -0.40 11.99 -18.57
C ILE B 195 -0.39 10.46 -18.62
N SER B 196 -1.22 9.92 -19.50
CA SER B 196 -1.47 8.50 -19.64
C SER B 196 -0.57 7.57 -20.39
N ALA B 197 0.71 7.88 -20.51
CA ALA B 197 1.63 6.97 -21.22
C ALA B 197 1.76 5.68 -20.39
N LEU B 198 2.33 4.63 -20.95
CA LEU B 198 2.39 3.42 -20.17
C LEU B 198 3.71 2.76 -19.91
N PRO B 199 3.86 2.20 -18.71
CA PRO B 199 5.06 1.50 -18.29
C PRO B 199 4.85 0.03 -18.68
N ASP B 200 4.18 -0.67 -17.79
CA ASP B 200 3.75 -2.07 -17.92
C ASP B 200 2.60 -2.31 -16.93
N1 NCA C . 5.41 4.72 19.29
C2 NCA C . 4.98 3.37 19.28
C3 NCA C . 5.80 2.33 18.84
C4 NCA C . 7.07 2.75 18.39
C5 NCA C . 7.48 4.06 18.38
C6 NCA C . 6.66 5.03 18.86
C7 NCA C . 5.31 0.87 18.60
O7 NCA C . 6.12 0.07 18.22
N7 NCA C . 4.10 0.50 18.90
N1 NCA D . -11.65 -6.13 -17.68
C2 NCA D . -12.44 -5.23 -16.87
C3 NCA D . -12.23 -3.84 -16.85
C4 NCA D . -11.31 -3.29 -17.66
C5 NCA D . -10.53 -4.18 -18.45
C6 NCA D . -10.64 -5.59 -18.48
C7 NCA D . -13.06 -2.92 -16.01
O7 NCA D . -12.86 -1.73 -16.11
N7 NCA D . -14.03 -3.55 -15.27
P AMP E . -14.80 -8.64 -7.59
O1P AMP E . -13.93 -8.53 -8.77
O2P AMP E . -14.30 -9.52 -6.44
O3P AMP E . -16.31 -8.99 -8.15
O5' AMP E . -15.12 -7.07 -7.18
C5' AMP E . -14.60 -6.08 -8.08
C4' AMP E . -15.68 -5.47 -8.91
O4' AMP E . -16.31 -4.68 -7.91
C3' AMP E . -15.29 -4.41 -9.87
O3' AMP E . -16.38 -4.14 -10.73
C2' AMP E . -15.08 -3.18 -9.03
O2' AMP E . -15.30 -2.03 -9.82
C1' AMP E . -16.25 -3.27 -8.12
N9 AMP E . -15.98 -2.59 -6.84
C8 AMP E . -16.87 -1.91 -6.13
N7 AMP E . -16.32 -1.65 -4.93
C5 AMP E . -15.11 -2.18 -4.94
C6 AMP E . -14.09 -1.91 -4.04
N6 AMP E . -14.30 -1.06 -3.03
N1 AMP E . -12.85 -2.34 -4.32
C2 AMP E . -12.61 -2.97 -5.47
N3 AMP E . -13.57 -3.20 -6.34
C4 AMP E . -14.85 -2.78 -6.12
#